data_5H8O
#
_entry.id   5H8O
#
_cell.length_a   53.625
_cell.length_b   30.996
_cell.length_c   79.244
_cell.angle_alpha   90.000
_cell.angle_beta   90.000
_cell.angle_gamma   90.000
#
_symmetry.space_group_name_H-M   'P 1 2 1'
#
loop_
_entity.id
_entity.type
_entity.pdbx_description
1 polymer 'VHH nanobody'
2 polymer 'Apoptosis-associated speck-like protein containing a CARD'
#
loop_
_entity_poly.entity_id
_entity_poly.type
_entity_poly.pdbx_seq_one_letter_code
_entity_poly.pdbx_strand_id
1 'polypeptide(L)'
;QVQLQESGGGLVQPGGSLKLSCAASGFTFSRYAMSWYRQAPGKERESVARISSGGGTIYYADSVKGRFTISREDAKNTVY
LQMNSLKPEDTAVYYCYVGGFWGQGTQVTVSSGG
;
A
2 'polypeptide(L)'
;IDQHRAALIARVTNVEWLLDALYGKVLTDEQYQAVRAEPTNPSKMRKLFSFTPAWNWTCKDLLLQALRESQSYLVEDLER
S
;
B
#
# COMPACT_ATOMS: atom_id res chain seq x y z
N GLN A 1 13.95 19.17 14.22
CA GLN A 1 12.98 19.61 13.23
C GLN A 1 12.87 18.61 12.09
N VAL A 2 11.73 17.95 12.01
CA VAL A 2 11.47 16.93 11.00
C VAL A 2 11.66 17.47 9.59
N GLN A 3 12.40 16.74 8.76
CA GLN A 3 12.62 17.20 7.39
C GLN A 3 12.37 16.13 6.34
N LEU A 4 11.64 16.51 5.30
CA LEU A 4 11.51 15.69 4.11
C LEU A 4 11.54 16.59 2.88
N GLN A 5 12.49 16.37 1.97
CA GLN A 5 12.58 17.19 0.77
C GLN A 5 12.08 16.45 -0.46
N GLU A 6 10.94 16.87 -0.96
CA GLU A 6 10.36 16.27 -2.16
C GLU A 6 10.92 16.93 -3.41
N SER A 7 11.21 16.12 -4.42
CA SER A 7 11.72 16.66 -5.69
C SER A 7 11.53 15.68 -6.84
N GLY A 8 11.91 16.11 -8.04
CA GLY A 8 11.85 15.26 -9.21
C GLY A 8 10.54 15.30 -9.96
N GLY A 9 9.71 16.30 -9.66
CA GLY A 9 8.43 16.43 -10.33
C GLY A 9 8.57 17.08 -11.70
N GLY A 10 7.44 17.51 -12.26
CA GLY A 10 7.48 18.25 -13.51
C GLY A 10 6.27 18.03 -14.39
N LEU A 11 6.44 18.38 -15.66
CA LEU A 11 5.39 18.23 -16.65
C LEU A 11 5.84 17.33 -17.81
N VAL A 12 5.02 16.35 -18.16
CA VAL A 12 5.45 15.35 -19.14
C VAL A 12 4.33 14.87 -20.06
N GLN A 13 4.72 14.29 -21.19
CA GLN A 13 3.77 13.75 -22.15
C GLN A 13 3.66 12.23 -21.99
N PRO A 14 2.43 11.73 -21.79
CA PRO A 14 2.08 10.34 -21.46
C PRO A 14 2.72 9.27 -22.31
N GLY A 15 3.10 8.20 -21.62
CA GLY A 15 4.05 7.24 -22.13
C GLY A 15 5.38 7.67 -21.56
N GLY A 16 5.42 8.94 -21.19
CA GLY A 16 6.62 9.56 -20.66
C GLY A 16 6.82 9.25 -19.19
N SER A 17 7.87 9.83 -18.64
CA SER A 17 8.32 9.43 -17.31
C SER A 17 8.55 10.60 -16.35
N LEU A 18 8.46 10.30 -15.06
CA LEU A 18 8.86 11.23 -14.03
C LEU A 18 9.55 10.45 -12.92
N LYS A 19 10.63 11.00 -12.40
CA LYS A 19 11.31 10.38 -11.27
C LYS A 19 11.18 11.25 -10.03
N LEU A 20 10.38 10.81 -9.07
CA LEU A 20 10.24 11.52 -7.81
C LEU A 20 11.23 10.97 -6.80
N SER A 21 11.73 11.84 -5.94
CA SER A 21 12.59 11.39 -4.84
C SER A 21 12.35 12.24 -3.60
N CYS A 22 12.25 11.59 -2.44
CA CYS A 22 12.20 12.34 -1.20
C CYS A 22 13.46 12.11 -0.38
N ALA A 23 14.01 13.18 0.17
CA ALA A 23 15.19 13.13 1.02
C ALA A 23 14.83 13.31 2.49
N ALA A 24 14.95 12.24 3.27
CA ALA A 24 14.64 12.29 4.69
C ALA A 24 15.74 13.01 5.45
N SER A 25 15.39 13.73 6.51
CA SER A 25 16.38 14.39 7.36
C SER A 25 15.91 14.63 8.80
N GLY A 26 16.86 14.46 9.73
CA GLY A 26 16.68 14.77 11.15
C GLY A 26 16.49 13.62 12.13
N PHE A 27 15.99 12.48 11.66
CA PHE A 27 15.83 11.30 12.51
C PHE A 27 16.38 10.05 11.80
N THR A 28 16.30 8.90 12.45
CA THR A 28 16.74 7.66 11.83
C THR A 28 15.66 7.15 10.89
N PHE A 29 15.98 7.04 9.61
CA PHE A 29 14.99 6.65 8.60
C PHE A 29 14.70 5.17 8.53
N SER A 30 15.76 4.36 8.49
CA SER A 30 15.66 2.99 8.01
C SER A 30 14.81 2.05 8.86
N ARG A 31 14.47 2.47 10.08
CA ARG A 31 13.60 1.66 10.93
C ARG A 31 12.14 2.03 10.71
N TYR A 32 11.88 2.93 9.77
CA TYR A 32 10.50 3.32 9.47
C TYR A 32 10.18 3.15 7.99
N ALA A 33 8.90 2.96 7.68
CA ALA A 33 8.44 2.85 6.31
C ALA A 33 8.36 4.23 5.66
N MET A 34 8.48 4.26 4.34
CA MET A 34 8.38 5.51 3.59
C MET A 34 7.34 5.38 2.49
N SER A 35 6.54 6.43 2.31
CA SER A 35 5.38 6.34 1.42
C SER A 35 5.29 7.51 0.44
N TRP A 36 4.56 7.29 -0.64
CA TRP A 36 4.17 8.36 -1.54
C TRP A 36 2.64 8.34 -1.72
N TYR A 37 2.06 9.52 -1.90
CA TYR A 37 0.63 9.64 -2.20
C TYR A 37 0.48 10.66 -3.31
N ARG A 38 -0.70 10.74 -3.91
CA ARG A 38 -0.93 11.73 -4.96
C ARG A 38 -2.32 12.34 -4.84
N GLN A 39 -2.38 13.67 -4.86
CA GLN A 39 -3.67 14.36 -4.82
C GLN A 39 -3.72 15.50 -5.82
N GLU A 44 -10.29 12.13 -3.50
CA GLU A 44 -9.63 12.92 -2.47
C GLU A 44 -8.11 12.74 -2.59
N ARG A 45 -7.43 12.66 -1.45
CA ARG A 45 -6.02 12.30 -1.45
C ARG A 45 -5.89 10.77 -1.42
N GLU A 46 -5.23 10.22 -2.43
CA GLU A 46 -5.16 8.77 -2.57
C GLU A 46 -3.73 8.27 -2.47
N SER A 47 -3.50 7.43 -1.47
CA SER A 47 -2.20 6.80 -1.26
C SER A 47 -1.75 6.05 -2.50
N VAL A 48 -0.45 6.14 -2.79
CA VAL A 48 0.10 5.61 -4.02
C VAL A 48 1.10 4.49 -3.75
N ALA A 49 2.19 4.82 -3.08
CA ALA A 49 3.19 3.83 -2.74
C ALA A 49 3.42 3.74 -1.24
N ARG A 50 3.67 2.51 -0.77
CA ARG A 50 4.17 2.32 0.58
C ARG A 50 5.27 1.25 0.60
N ILE A 51 6.45 1.66 1.06
CA ILE A 51 7.58 0.73 1.18
C ILE A 51 8.00 0.59 2.64
N SER A 52 7.82 -0.62 3.17
CA SER A 52 8.14 -0.91 4.56
C SER A 52 9.63 -0.83 4.80
N SER A 53 9.99 -0.63 6.06
CA SER A 53 11.38 -0.52 6.47
C SER A 53 12.15 -1.83 6.29
N GLY A 54 13.38 -1.72 5.78
CA GLY A 54 14.21 -2.87 5.52
C GLY A 54 14.22 -3.27 4.05
N GLY A 55 13.19 -2.86 3.31
CA GLY A 55 13.14 -3.04 1.86
C GLY A 55 12.38 -4.26 1.37
N GLY A 56 12.09 -5.19 2.28
CA GLY A 56 11.50 -6.46 1.92
C GLY A 56 10.06 -6.41 1.43
N THR A 57 9.17 -5.84 2.24
CA THR A 57 7.74 -5.86 1.91
C THR A 57 7.32 -4.59 1.19
N ILE A 58 6.98 -4.73 -0.09
CA ILE A 58 6.53 -3.62 -0.90
C ILE A 58 5.01 -3.65 -1.11
N TYR A 59 4.39 -2.48 -1.07
CA TYR A 59 2.95 -2.39 -1.38
C TYR A 59 2.67 -1.22 -2.31
N TYR A 60 2.05 -1.50 -3.45
CA TYR A 60 1.70 -0.46 -4.39
C TYR A 60 0.19 -0.28 -4.49
N ALA A 61 -0.27 0.97 -4.53
CA ALA A 61 -1.69 1.23 -4.76
C ALA A 61 -2.01 0.79 -6.18
N ASP A 62 -3.29 0.56 -6.42
CA ASP A 62 -3.71 -0.14 -7.62
C ASP A 62 -3.53 0.69 -8.90
N SER A 63 -3.28 2.00 -8.76
CA SER A 63 -2.96 2.84 -9.91
C SER A 63 -1.53 2.61 -10.38
N VAL A 64 -0.71 2.11 -9.46
CA VAL A 64 0.74 2.03 -9.67
C VAL A 64 1.24 0.68 -10.19
N LYS A 65 0.33 -0.26 -10.45
CA LYS A 65 0.73 -1.62 -10.80
C LYS A 65 1.51 -1.71 -12.11
N GLY A 66 2.70 -2.29 -12.03
CA GLY A 66 3.53 -2.52 -13.21
C GLY A 66 4.01 -1.28 -13.92
N ARG A 67 3.82 -0.13 -13.29
CA ARG A 67 4.22 1.14 -13.88
C ARG A 67 5.08 1.93 -12.91
N PHE A 68 4.47 2.31 -11.80
CA PHE A 68 5.18 2.99 -10.74
C PHE A 68 6.04 2.00 -9.97
N THR A 69 7.21 2.46 -9.54
CA THR A 69 8.05 1.66 -8.67
C THR A 69 8.60 2.46 -7.50
N ILE A 70 8.18 2.11 -6.30
CA ILE A 70 8.77 2.68 -5.09
C ILE A 70 10.06 1.93 -4.74
N SER A 71 11.16 2.67 -4.60
CA SER A 71 12.45 2.08 -4.25
C SER A 71 13.01 2.73 -2.99
N ARG A 72 14.01 2.06 -2.38
CA ARG A 72 14.58 2.53 -1.11
C ARG A 72 16.11 2.70 -1.14
N GLU A 73 16.56 3.88 -0.75
CA GLU A 73 17.98 4.14 -0.49
C GLU A 73 18.17 4.47 0.99
N ASP A 74 18.74 3.52 1.72
CA ASP A 74 18.89 3.59 3.18
C ASP A 74 20.28 4.03 3.64
N ALA A 75 21.15 4.34 2.68
CA ALA A 75 22.58 4.58 2.96
C ALA A 75 23.13 6.03 3.16
N LYS A 76 22.33 7.10 3.25
CA LYS A 76 20.95 7.08 3.72
C LYS A 76 20.00 8.13 3.14
N ASN A 77 18.76 8.07 3.65
CA ASN A 77 17.78 9.12 3.47
C ASN A 77 17.37 9.45 2.04
N THR A 78 17.01 8.42 1.27
CA THR A 78 16.42 8.69 -0.04
C THR A 78 15.35 7.66 -0.37
N VAL A 79 14.21 8.12 -0.85
CA VAL A 79 13.14 7.20 -1.22
C VAL A 79 12.69 7.55 -2.64
N TYR A 80 12.72 6.53 -3.50
CA TYR A 80 12.51 6.73 -4.92
C TYR A 80 11.09 6.37 -5.37
N LEU A 81 10.63 7.13 -6.37
CA LEU A 81 9.39 6.88 -7.07
C LEU A 81 9.67 6.92 -8.56
N GLN A 82 9.48 5.80 -9.25
CA GLN A 82 9.72 5.76 -10.69
C GLN A 82 8.43 5.62 -11.46
N MET A 83 8.04 6.69 -12.13
CA MET A 83 6.79 6.73 -12.88
C MET A 83 7.03 6.63 -14.38
N ASN A 84 6.62 5.51 -14.95
CA ASN A 84 6.69 5.31 -16.39
C ASN A 84 5.28 5.25 -16.96
N SER A 85 5.13 5.69 -18.22
CA SER A 85 3.83 5.78 -18.85
C SER A 85 2.88 6.68 -18.04
N LEU A 86 3.32 7.90 -17.79
CA LEU A 86 2.53 8.87 -17.02
C LEU A 86 1.18 9.16 -17.66
N LYS A 87 0.19 9.47 -16.83
CA LYS A 87 -1.12 9.90 -17.32
C LYS A 87 -1.62 11.13 -16.59
N PRO A 88 -2.28 12.04 -17.33
CA PRO A 88 -2.92 13.29 -16.89
C PRO A 88 -3.82 13.11 -15.68
N GLU A 89 -4.48 11.97 -15.57
CA GLU A 89 -5.31 11.67 -14.41
C GLU A 89 -4.44 11.41 -13.18
N ASP A 90 -3.21 11.01 -13.44
CA ASP A 90 -2.23 10.78 -12.38
C ASP A 90 -1.37 12.03 -12.18
N THR A 91 -1.61 13.03 -13.01
CA THR A 91 -1.00 14.33 -12.80
C THR A 91 -1.62 14.93 -11.55
N ALA A 92 -0.77 15.28 -10.59
CA ALA A 92 -1.20 15.69 -9.27
C ALA A 92 -0.01 16.07 -8.42
N VAL A 93 -0.30 16.46 -7.18
CA VAL A 93 0.71 16.71 -6.19
C VAL A 93 1.18 15.39 -5.60
N TYR A 94 2.46 15.09 -5.80
CA TYR A 94 3.07 13.91 -5.23
C TYR A 94 3.59 14.25 -3.85
N TYR A 95 3.05 13.58 -2.83
CA TYR A 95 3.47 13.81 -1.46
C TYR A 95 4.30 12.65 -0.92
N CYS A 96 5.59 12.91 -0.70
CA CYS A 96 6.43 11.97 0.03
C CYS A 96 6.12 12.13 1.52
N TYR A 97 5.85 11.01 2.18
CA TYR A 97 5.30 11.02 3.53
C TYR A 97 5.81 9.88 4.42
N VAL A 98 6.21 10.22 5.64
CA VAL A 98 6.56 9.23 6.64
C VAL A 98 6.13 9.68 8.04
N GLY A 99 5.51 8.78 8.79
CA GLY A 99 5.26 8.97 10.21
C GLY A 99 4.63 10.26 10.72
N GLY A 100 3.47 10.63 10.18
CA GLY A 100 2.79 11.81 10.64
C GLY A 100 3.42 13.07 10.07
N PHE A 101 4.48 12.89 9.29
CA PHE A 101 5.12 13.99 8.61
C PHE A 101 5.07 13.78 7.10
N TRP A 102 4.27 14.60 6.42
CA TRP A 102 4.15 14.52 4.97
C TRP A 102 4.98 15.62 4.33
N GLY A 103 5.62 15.30 3.21
CA GLY A 103 6.44 16.28 2.51
C GLY A 103 5.60 17.42 1.98
N GLN A 104 6.26 18.54 1.65
CA GLN A 104 5.56 19.68 1.06
C GLN A 104 5.03 19.31 -0.31
N GLY A 105 5.67 18.33 -0.95
CA GLY A 105 5.16 17.77 -2.18
C GLY A 105 5.89 18.19 -3.44
N THR A 106 5.38 17.71 -4.57
CA THR A 106 5.90 18.08 -5.89
C THR A 106 4.74 18.18 -6.87
N GLN A 107 4.89 19.00 -7.91
CA GLN A 107 3.84 19.19 -8.90
C GLN A 107 4.05 18.31 -10.12
N VAL A 108 3.03 17.54 -10.48
CA VAL A 108 3.08 16.70 -11.66
C VAL A 108 1.96 17.10 -12.62
N THR A 109 2.33 17.53 -13.81
CA THR A 109 1.36 17.92 -14.83
C THR A 109 1.56 17.11 -16.09
N VAL A 110 0.56 16.31 -16.47
CA VAL A 110 0.74 15.42 -17.62
C VAL A 110 -0.22 15.80 -18.76
N SER A 111 0.34 16.08 -19.93
CA SER A 111 -0.40 16.46 -21.12
C SER A 111 0.52 16.58 -22.34
N ILE B 1 -0.58 -10.31 17.39
CA ILE B 1 -0.94 -10.90 16.11
C ILE B 1 -2.10 -10.13 15.48
N ASP B 2 -2.33 -8.92 15.96
CA ASP B 2 -3.43 -8.08 15.47
C ASP B 2 -3.02 -7.06 14.41
N GLN B 3 -1.73 -6.99 14.08
CA GLN B 3 -1.23 -5.94 13.19
C GLN B 3 -1.39 -6.28 11.71
N HIS B 4 -1.59 -7.57 11.41
CA HIS B 4 -1.85 -7.99 10.03
C HIS B 4 -3.32 -7.88 9.65
N ARG B 5 -4.18 -7.80 10.66
CA ARG B 5 -5.62 -7.84 10.46
C ARG B 5 -6.12 -6.54 9.85
N ALA B 6 -5.99 -5.46 10.60
CA ALA B 6 -6.33 -4.13 10.11
C ALA B 6 -5.54 -3.81 8.85
N ALA B 7 -4.36 -4.42 8.75
CA ALA B 7 -3.54 -4.33 7.53
C ALA B 7 -4.31 -4.83 6.31
N LEU B 8 -4.69 -6.10 6.34
CA LEU B 8 -5.48 -6.68 5.25
C LEU B 8 -6.82 -5.95 5.04
N ILE B 9 -7.36 -5.43 6.13
CA ILE B 9 -8.65 -4.74 6.11
C ILE B 9 -8.63 -3.52 5.22
N ALA B 10 -7.53 -2.77 5.29
CA ALA B 10 -7.41 -1.54 4.52
C ALA B 10 -6.72 -1.77 3.18
N ARG B 11 -6.31 -3.02 2.96
CA ARG B 11 -5.65 -3.42 1.71
C ARG B 11 -6.67 -4.04 0.75
N VAL B 12 -7.94 -4.05 1.17
CA VAL B 12 -9.04 -4.71 0.46
C VAL B 12 -9.87 -3.79 -0.44
N THR B 13 -10.39 -2.72 0.15
CA THR B 13 -11.70 -2.15 -0.18
C THR B 13 -12.75 -3.16 0.26
N ASN B 14 -13.59 -3.62 -0.66
CA ASN B 14 -14.82 -4.33 -0.28
C ASN B 14 -14.60 -5.53 0.66
N VAL B 15 -15.26 -5.47 1.81
CA VAL B 15 -15.16 -6.53 2.81
C VAL B 15 -16.06 -7.71 2.50
N GLU B 16 -17.19 -7.45 1.84
CA GLU B 16 -18.17 -8.49 1.57
C GLU B 16 -17.70 -9.48 0.49
N TRP B 17 -16.67 -9.11 -0.24
CA TRP B 17 -16.15 -9.93 -1.32
C TRP B 17 -15.63 -11.29 -0.82
N LEU B 18 -14.68 -11.27 0.11
CA LEU B 18 -14.08 -12.52 0.61
C LEU B 18 -14.97 -13.23 1.62
N LEU B 19 -16.01 -12.52 2.09
CA LEU B 19 -17.02 -13.14 2.94
C LEU B 19 -17.99 -13.96 2.09
N ASP B 20 -18.40 -13.39 0.96
CA ASP B 20 -19.23 -14.11 0.00
C ASP B 20 -18.45 -15.27 -0.58
N ALA B 21 -17.13 -15.09 -0.70
CA ALA B 21 -16.28 -16.18 -1.12
C ALA B 21 -16.24 -17.28 -0.04
N LEU B 22 -16.11 -16.88 1.22
CA LEU B 22 -16.10 -17.82 2.33
C LEU B 22 -17.43 -18.55 2.54
N TYR B 23 -18.50 -18.03 1.93
CA TYR B 23 -19.84 -18.58 2.16
C TYR B 23 -19.97 -20.09 1.85
N GLY B 24 -20.49 -20.85 2.80
CA GLY B 24 -20.75 -22.28 2.64
C GLY B 24 -19.54 -23.13 2.30
N LYS B 25 -18.34 -22.60 2.57
CA LYS B 25 -17.12 -23.30 2.22
C LYS B 25 -16.52 -24.03 3.41
N GLN B 33 -21.51 -19.55 10.43
CA GLN B 33 -21.01 -18.20 10.22
C GLN B 33 -21.94 -17.14 10.78
N ALA B 34 -22.00 -17.04 12.11
CA ALA B 34 -22.49 -15.78 12.66
C ALA B 34 -21.38 -15.08 13.43
N VAL B 35 -20.70 -14.17 12.74
CA VAL B 35 -19.93 -13.10 13.38
C VAL B 35 -20.60 -11.74 13.13
N ARG B 36 -21.68 -11.77 12.35
CA ARG B 36 -22.09 -10.60 11.57
C ARG B 36 -22.82 -9.51 12.34
N ALA B 37 -23.22 -9.79 13.57
CA ALA B 37 -23.95 -8.79 14.36
C ALA B 37 -23.02 -7.69 14.85
N GLU B 38 -21.71 -7.94 14.79
CA GLU B 38 -20.71 -6.93 15.14
C GLU B 38 -20.78 -5.74 14.18
N PRO B 39 -20.98 -4.54 14.73
CA PRO B 39 -21.27 -3.32 13.96
C PRO B 39 -20.17 -2.90 12.97
N THR B 40 -18.92 -2.92 13.41
CA THR B 40 -17.81 -2.46 12.56
C THR B 40 -17.55 -3.41 11.40
N ASN B 41 -17.12 -2.85 10.26
CA ASN B 41 -16.67 -3.66 9.14
C ASN B 41 -15.40 -4.46 9.45
N PRO B 42 -14.37 -3.78 10.05
CA PRO B 42 -13.22 -4.63 10.41
C PRO B 42 -13.48 -5.57 11.57
N SER B 43 -14.49 -5.31 12.40
CA SER B 43 -14.87 -6.25 13.45
C SER B 43 -15.12 -7.62 12.83
N LYS B 44 -15.95 -7.66 11.80
CA LYS B 44 -16.27 -8.89 11.08
C LYS B 44 -15.01 -9.56 10.53
N MET B 45 -13.97 -8.77 10.32
CA MET B 45 -12.67 -9.32 9.92
C MET B 45 -11.93 -9.93 11.09
N ARG B 46 -11.82 -9.18 12.20
CA ARG B 46 -10.93 -9.59 13.28
C ARG B 46 -11.36 -10.89 13.93
N LYS B 47 -12.67 -11.03 14.16
CA LYS B 47 -13.18 -12.26 14.76
C LYS B 47 -13.06 -13.43 13.78
N LEU B 48 -13.02 -13.11 12.48
CA LEU B 48 -12.97 -14.15 11.45
C LEU B 48 -11.66 -14.93 11.49
N PHE B 49 -10.61 -14.34 12.05
CA PHE B 49 -9.34 -15.05 12.19
C PHE B 49 -9.19 -15.66 13.59
N SER B 50 -10.24 -15.56 14.39
CA SER B 50 -10.31 -16.31 15.63
C SER B 50 -11.03 -17.62 15.37
N PHE B 51 -11.55 -17.78 14.16
CA PHE B 51 -12.33 -18.94 13.78
C PHE B 51 -11.46 -20.06 13.23
N THR B 52 -10.15 -19.86 13.25
CA THR B 52 -9.19 -20.82 12.71
C THR B 52 -9.44 -22.30 13.07
N PRO B 53 -9.83 -22.61 14.34
CA PRO B 53 -10.11 -24.02 14.63
C PRO B 53 -11.21 -24.62 13.74
N ALA B 54 -12.13 -23.80 13.25
CA ALA B 54 -13.15 -24.27 12.32
C ALA B 54 -12.66 -24.19 10.88
N TRP B 55 -11.42 -23.72 10.73
CA TRP B 55 -10.82 -23.58 9.41
C TRP B 55 -9.83 -24.71 9.16
N ASN B 56 -10.15 -25.61 8.24
CA ASN B 56 -9.22 -26.65 7.85
C ASN B 56 -8.18 -26.09 6.89
N TRP B 57 -7.31 -26.95 6.37
CA TRP B 57 -6.29 -26.53 5.41
C TRP B 57 -6.94 -25.89 4.19
N THR B 58 -8.02 -26.52 3.75
CA THR B 58 -8.78 -26.05 2.59
C THR B 58 -9.34 -24.65 2.81
N CYS B 59 -9.52 -24.26 4.06
CA CYS B 59 -10.02 -22.92 4.38
C CYS B 59 -8.94 -21.86 4.16
N LYS B 60 -7.74 -22.11 4.69
CA LYS B 60 -6.62 -21.22 4.45
C LYS B 60 -6.41 -21.12 2.94
N ASP B 61 -6.45 -22.27 2.30
CA ASP B 61 -6.40 -22.37 0.85
C ASP B 61 -7.46 -21.48 0.19
N LEU B 62 -8.65 -21.45 0.76
CA LEU B 62 -9.76 -20.69 0.20
C LEU B 62 -9.50 -19.19 0.31
N LEU B 63 -9.10 -18.76 1.51
CA LEU B 63 -8.80 -17.37 1.77
C LEU B 63 -7.70 -16.83 0.86
N LEU B 64 -6.58 -17.54 0.79
CA LEU B 64 -5.43 -17.05 0.01
C LEU B 64 -5.57 -17.28 -1.49
N GLN B 65 -6.41 -18.23 -1.89
CA GLN B 65 -6.66 -18.42 -3.30
C GLN B 65 -7.61 -17.34 -3.79
N ALA B 66 -8.57 -16.97 -2.96
CA ALA B 66 -9.42 -15.83 -3.28
C ALA B 66 -8.58 -14.56 -3.28
N LEU B 67 -7.59 -14.52 -2.41
CA LEU B 67 -6.71 -13.35 -2.30
C LEU B 67 -5.84 -13.20 -3.55
N ARG B 68 -5.38 -14.32 -4.09
CA ARG B 68 -4.56 -14.32 -5.29
C ARG B 68 -5.41 -14.12 -6.55
N GLU B 69 -6.62 -14.67 -6.51
CA GLU B 69 -7.60 -14.48 -7.58
C GLU B 69 -8.10 -13.03 -7.53
N SER B 70 -7.77 -12.33 -6.46
CA SER B 70 -8.02 -10.89 -6.41
C SER B 70 -6.75 -10.12 -6.74
N GLN B 71 -5.82 -10.08 -5.78
CA GLN B 71 -4.54 -9.42 -5.94
C GLN B 71 -3.44 -10.29 -5.35
N SER B 72 -2.52 -10.73 -6.19
CA SER B 72 -1.49 -11.69 -5.78
C SER B 72 -0.49 -11.13 -4.77
N TYR B 73 -0.21 -9.84 -4.87
CA TYR B 73 0.75 -9.23 -3.98
C TYR B 73 0.29 -9.34 -2.53
N LEU B 74 -1.02 -9.41 -2.34
CA LEU B 74 -1.63 -9.50 -1.02
C LEU B 74 -1.44 -10.89 -0.44
N VAL B 75 -1.58 -11.89 -1.32
CA VAL B 75 -1.26 -13.27 -0.97
C VAL B 75 0.19 -13.39 -0.55
N GLU B 76 1.10 -12.77 -1.31
CA GLU B 76 2.52 -12.88 -0.97
C GLU B 76 2.85 -12.10 0.31
N ASP B 77 2.13 -11.01 0.52
CA ASP B 77 2.31 -10.15 1.67
C ASP B 77 1.95 -10.89 2.94
N LEU B 78 0.83 -11.62 2.90
CA LEU B 78 0.49 -12.50 4.01
C LEU B 78 1.45 -13.69 4.08
N GLU B 79 2.02 -14.06 2.93
CA GLU B 79 2.90 -15.23 2.84
C GLU B 79 4.32 -14.98 3.32
N ARG B 80 4.91 -13.84 2.98
CA ARG B 80 6.29 -13.58 3.35
C ARG B 80 6.39 -13.09 4.79
N SER B 81 5.25 -13.03 5.47
CA SER B 81 5.21 -12.71 6.90
C SER B 81 6.11 -13.64 7.71
#